data_4XDR
#
_entry.id   4XDR
#
_cell.length_a   116.834
_cell.length_b   46.792
_cell.length_c   57.725
_cell.angle_alpha   90.000
_cell.angle_beta   102.560
_cell.angle_gamma   90.000
#
_symmetry.space_group_name_H-M   'C 1 2 1'
#
loop_
_entity.id
_entity.type
_entity.pdbx_description
1 polymer 'FAD:protein FMN transferase'
2 non-polymer 'MAGNESIUM ION'
3 non-polymer ADENOSINE
4 non-polymer 'ACETATE ION'
5 non-polymer 1,2-ETHANEDIOL
6 water water
#
_entity_poly.entity_id   1
_entity_poly.type   'polypeptide(L)'
_entity_poly.pdbx_seq_one_letter_code
;CGGRARVREYSRAELVIGTLCRVRVYSKRPAAEVHAALEEVFTLLQQQEMVLSANRDDSALAALNAQAGSAPVVVDRSLY
ALLERALFFAEKSGGAFNPALGAVVKLWNIGFDRAAVPDPDALKEALTRCDFRQVHLRAGVSVGAPHTVQLAQAGMQLDL
GAIAKGFLADKIVQLLTAHALDSALVDLGGNIFALGLKYGDVRSAAAQRLEWNVGIRDPHGTGQKPALVVSVRDCSVVTS
GAYERFFERDGVRYHHIIDPVTGFPAHTDVDSVSIFAPRSTDAAALATACFVLGYEKSCALLREFPGVDALFIFPDKRVR
ASAGIVDRVRVLDARFVLER
;
_entity_poly.pdbx_strand_id   A
#
# COMPACT_ATOMS: atom_id res chain seq x y z
N ALA A 5 -22.10 -30.80 1.98
CA ALA A 5 -20.82 -30.08 2.03
C ALA A 5 -20.79 -29.07 3.17
N ARG A 6 -19.75 -29.14 3.99
CA ARG A 6 -19.70 -28.24 5.15
C ARG A 6 -18.76 -27.07 4.92
N VAL A 7 -19.07 -26.00 5.62
CA VAL A 7 -18.20 -24.85 5.67
C VAL A 7 -17.02 -25.16 6.59
N ARG A 8 -15.84 -24.79 6.14
CA ARG A 8 -14.64 -24.90 6.95
C ARG A 8 -13.89 -23.59 6.84
N GLU A 9 -13.18 -23.23 7.91
CA GLU A 9 -12.39 -22.02 8.01
C GLU A 9 -10.93 -22.41 8.06
N TYR A 10 -10.12 -21.67 7.31
CA TYR A 10 -8.70 -21.94 7.20
C TYR A 10 -7.93 -20.64 7.35
N SER A 11 -6.69 -20.74 7.83
CA SER A 11 -5.81 -19.60 7.70
C SER A 11 -4.40 -20.16 7.53
N ARG A 12 -3.56 -19.34 6.93
CA ARG A 12 -2.14 -19.63 6.80
C ARG A 12 -1.37 -18.31 6.87
N ALA A 13 -0.20 -18.32 7.50
CA ALA A 13 0.60 -17.11 7.66
C ALA A 13 2.05 -17.45 7.56
N GLU A 14 2.79 -16.56 6.91
CA GLU A 14 4.23 -16.68 6.73
C GLU A 14 4.87 -15.31 6.79
N LEU A 15 6.11 -15.29 7.16
CA LEU A 15 6.91 -14.08 7.03
C LEU A 15 7.46 -14.02 5.62
N VAL A 16 7.15 -12.95 4.90
CA VAL A 16 7.51 -12.80 3.47
C VAL A 16 7.22 -11.35 3.06
N ILE A 17 7.93 -10.85 2.04
CA ILE A 17 7.95 -9.42 1.65
C ILE A 17 8.14 -8.51 2.88
N GLY A 18 9.06 -8.94 3.76
CA GLY A 18 9.47 -8.16 4.91
C GLY A 18 8.46 -8.11 6.05
N THR A 19 7.39 -8.90 5.99
CA THR A 19 6.33 -8.72 6.93
C THR A 19 5.49 -9.98 7.06
N LEU A 20 4.59 -9.94 8.02
CA LEU A 20 3.69 -11.04 8.26
C LEU A 20 2.57 -10.98 7.25
N CYS A 21 2.38 -12.06 6.53
CA CYS A 21 1.32 -12.16 5.54
C CYS A 21 0.40 -13.29 5.93
N ARG A 22 -0.89 -13.01 6.07
CA ARG A 22 -1.87 -13.99 6.55
C ARG A 22 -3.07 -13.99 5.63
N VAL A 23 -3.59 -15.17 5.32
CA VAL A 23 -4.81 -15.28 4.53
C VAL A 23 -5.75 -16.25 5.26
N ARG A 24 -6.98 -15.80 5.45
CA ARG A 24 -8.06 -16.55 6.12
C ARG A 24 -9.11 -16.78 5.06
N VAL A 25 -9.63 -18.00 5.00
CA VAL A 25 -10.61 -18.40 4.00
C VAL A 25 -11.75 -19.17 4.68
N TYR A 26 -12.98 -18.90 4.25
CA TYR A 26 -14.10 -19.80 4.50
C TYR A 26 -14.50 -20.44 3.20
N SER A 27 -14.72 -21.76 3.20
CA SER A 27 -15.08 -22.42 1.96
C SER A 27 -15.82 -23.70 2.21
N LYS A 28 -16.71 -24.06 1.30
CA LYS A 28 -17.30 -25.39 1.26
C LYS A 28 -16.63 -26.34 0.24
N ARG A 29 -15.60 -25.84 -0.45
CA ARG A 29 -14.87 -26.68 -1.41
C ARG A 29 -14.06 -27.74 -0.66
N PRO A 30 -13.70 -28.83 -1.33
CA PRO A 30 -12.82 -29.79 -0.67
C PRO A 30 -11.57 -29.12 -0.10
N ALA A 31 -11.15 -29.55 1.07
CA ALA A 31 -10.04 -28.93 1.74
C ALA A 31 -8.77 -28.98 0.87
N ALA A 32 -8.58 -30.04 0.10
CA ALA A 32 -7.43 -30.13 -0.78
C ALA A 32 -7.43 -28.95 -1.76
N GLU A 33 -8.60 -28.47 -2.20
CA GLU A 33 -8.65 -27.34 -3.13
C GLU A 33 -8.24 -26.05 -2.46
N VAL A 34 -8.63 -25.89 -1.20
CA VAL A 34 -8.25 -24.70 -0.47
C VAL A 34 -6.77 -24.75 -0.16
N HIS A 35 -6.24 -25.88 0.25
CA HIS A 35 -4.82 -26.02 0.50
C HIS A 35 -4.02 -25.63 -0.78
N ALA A 36 -4.44 -26.15 -1.92
CA ALA A 36 -3.75 -25.83 -3.19
C ALA A 36 -3.74 -24.32 -3.45
N ALA A 37 -4.85 -23.65 -3.22
CA ALA A 37 -4.92 -22.23 -3.38
C ALA A 37 -3.96 -21.51 -2.46
N LEU A 38 -3.94 -21.91 -1.18
CA LEU A 38 -3.04 -21.28 -0.23
C LEU A 38 -1.56 -21.54 -0.55
N GLU A 39 -1.24 -22.73 -1.05
CA GLU A 39 0.10 -23.02 -1.50
C GLU A 39 0.50 -22.01 -2.54
N GLU A 40 -0.41 -21.73 -3.48
CA GLU A 40 -0.07 -20.80 -4.57
C GLU A 40 0.02 -19.38 -4.10
N VAL A 41 -0.81 -19.00 -3.13
CA VAL A 41 -0.73 -17.65 -2.55
C VAL A 41 0.68 -17.40 -2.01
N PHE A 42 1.19 -18.35 -1.23
CA PHE A 42 2.45 -18.11 -0.60
C PHE A 42 3.64 -18.34 -1.48
N THR A 43 3.49 -19.16 -2.51
CA THR A 43 4.49 -19.21 -3.56
C THR A 43 4.57 -17.89 -4.33
N LEU A 44 3.43 -17.32 -4.66
CA LEU A 44 3.38 -16.02 -5.33
C LEU A 44 4.10 -14.98 -4.49
N LEU A 45 3.80 -14.93 -3.20
CA LEU A 45 4.43 -13.93 -2.33
C LEU A 45 5.93 -14.07 -2.32
N GLN A 46 6.46 -15.28 -2.30
CA GLN A 46 7.93 -15.43 -2.48
C GLN A 46 8.41 -14.96 -3.86
N GLN A 47 7.71 -15.30 -4.92
CA GLN A 47 8.18 -14.91 -6.25
C GLN A 47 8.16 -13.39 -6.44
N GLN A 48 7.09 -12.74 -6.02
CA GLN A 48 6.96 -11.30 -6.23
C GLN A 48 7.89 -10.48 -5.33
N GLU A 49 8.28 -11.06 -4.20
CA GLU A 49 9.33 -10.42 -3.40
C GLU A 49 10.58 -10.20 -4.24
N MET A 50 10.83 -11.11 -5.19
CA MET A 50 12.01 -11.04 -6.07
C MET A 50 11.82 -10.17 -7.32
N VAL A 51 10.61 -9.66 -7.52
CA VAL A 51 10.29 -8.78 -8.62
C VAL A 51 10.26 -7.34 -8.13
N LEU A 52 9.58 -7.10 -7.00
CA LEU A 52 9.21 -5.72 -6.63
C LEU A 52 10.08 -5.00 -5.63
N SER A 53 10.95 -5.71 -4.93
CA SER A 53 11.67 -5.12 -3.79
C SER A 53 12.64 -4.02 -4.21
N ALA A 54 12.63 -2.92 -3.47
CA ALA A 54 13.52 -1.79 -3.75
C ALA A 54 14.83 -1.91 -2.96
N ASN A 55 14.85 -2.83 -1.98
CA ASN A 55 16.00 -3.00 -1.10
C ASN A 55 16.69 -4.34 -1.29
N ARG A 56 16.61 -4.89 -2.51
CA ARG A 56 17.37 -6.08 -2.88
C ARG A 56 18.07 -5.81 -4.20
N ASP A 57 19.23 -6.42 -4.38
CA ASP A 57 20.07 -6.17 -5.55
C ASP A 57 19.64 -6.98 -6.76
N ASP A 58 18.87 -8.03 -6.53
CA ASP A 58 18.60 -9.03 -7.56
C ASP A 58 17.18 -8.97 -8.13
N SER A 59 16.44 -7.92 -7.80
CA SER A 59 15.03 -7.85 -8.22
C SER A 59 14.87 -7.25 -9.61
N ALA A 60 13.75 -7.53 -10.25
CA ALA A 60 13.44 -6.91 -11.53
C ALA A 60 13.46 -5.38 -11.39
N LEU A 61 12.95 -4.85 -10.29
CA LEU A 61 12.95 -3.43 -10.05
C LEU A 61 14.38 -2.87 -9.91
N ALA A 62 15.24 -3.59 -9.21
CA ALA A 62 16.64 -3.19 -9.08
C ALA A 62 17.30 -3.13 -10.47
N ALA A 63 16.98 -4.10 -11.33
CA ALA A 63 17.52 -4.12 -12.68
C ALA A 63 17.08 -2.87 -13.47
N LEU A 64 15.81 -2.51 -13.35
CA LEU A 64 15.24 -1.35 -14.01
C LEU A 64 15.96 -0.06 -13.54
N ASN A 65 16.09 0.08 -12.23
CA ASN A 65 16.80 1.21 -11.65
C ASN A 65 18.26 1.29 -12.08
N ALA A 66 18.88 0.17 -12.42
CA ALA A 66 20.26 0.21 -12.90
C ALA A 66 20.39 0.81 -14.31
N GLN A 67 19.28 0.95 -15.03
CA GLN A 67 19.31 1.52 -16.38
C GLN A 67 18.76 2.95 -16.45
N ALA A 68 18.61 3.60 -15.29
CA ALA A 68 18.26 5.00 -15.29
C ALA A 68 19.24 5.80 -16.16
N GLY A 69 18.71 6.64 -17.04
CA GLY A 69 19.52 7.49 -17.89
C GLY A 69 19.97 6.78 -19.15
N SER A 70 19.47 5.57 -19.36
CA SER A 70 19.82 4.78 -20.53
C SER A 70 18.57 4.34 -21.30
N ALA A 71 18.66 3.21 -21.98
CA ALA A 71 17.63 2.80 -22.94
C ALA A 71 16.44 2.15 -22.25
N PRO A 72 15.29 2.06 -22.95
CA PRO A 72 14.11 1.38 -22.38
C PRO A 72 14.39 -0.09 -22.02
N VAL A 73 13.67 -0.57 -21.01
CA VAL A 73 13.85 -1.93 -20.50
C VAL A 73 12.54 -2.71 -20.62
N VAL A 74 12.63 -3.95 -21.11
CA VAL A 74 11.43 -4.79 -21.18
C VAL A 74 11.03 -5.33 -19.81
N VAL A 75 9.74 -5.21 -19.51
CA VAL A 75 9.15 -5.72 -18.28
C VAL A 75 7.92 -6.55 -18.61
N ASP A 76 7.48 -7.38 -17.69
CA ASP A 76 6.27 -8.16 -17.97
C ASP A 76 5.08 -7.23 -17.77
N ARG A 77 3.94 -7.64 -18.31
CA ARG A 77 2.75 -6.81 -18.36
C ARG A 77 2.25 -6.46 -16.96
N SER A 78 2.46 -7.35 -16.00
CA SER A 78 2.05 -7.13 -14.61
C SER A 78 2.77 -5.91 -14.01
N LEU A 79 4.09 -5.91 -14.11
CA LEU A 79 4.88 -4.81 -13.60
C LEU A 79 4.53 -3.50 -14.34
N TYR A 80 4.38 -3.63 -15.66
CA TYR A 80 4.02 -2.48 -16.47
C TYR A 80 2.71 -1.86 -15.98
N ALA A 81 1.71 -2.70 -15.73
CA ALA A 81 0.39 -2.19 -15.37
C ALA A 81 0.45 -1.57 -13.99
N LEU A 82 1.26 -2.13 -13.10
CA LEU A 82 1.45 -1.57 -11.77
C LEU A 82 2.09 -0.18 -11.85
N LEU A 83 3.10 -0.07 -12.71
CA LEU A 83 3.77 1.22 -12.88
C LEU A 83 2.81 2.25 -13.48
N GLU A 84 2.01 1.82 -14.46
CA GLU A 84 1.00 2.75 -15.01
C GLU A 84 0.06 3.25 -13.93
N ARG A 85 -0.42 2.36 -13.10
CA ARG A 85 -1.36 2.77 -12.05
C ARG A 85 -0.68 3.70 -11.05
N ALA A 86 0.55 3.38 -10.69
CA ALA A 86 1.30 4.25 -9.81
C ALA A 86 1.47 5.66 -10.36
N LEU A 87 1.82 5.75 -11.64
CA LEU A 87 2.00 7.06 -12.27
C LEU A 87 0.67 7.80 -12.39
N PHE A 88 -0.43 7.08 -12.57
CA PHE A 88 -1.74 7.70 -12.56
C PHE A 88 -2.00 8.39 -11.22
N PHE A 89 -1.75 7.73 -10.12
CA PHE A 89 -1.97 8.34 -8.80
C PHE A 89 -0.98 9.43 -8.49
N ALA A 90 0.24 9.33 -9.03
CA ALA A 90 1.21 10.40 -8.88
C ALA A 90 0.65 11.65 -9.55
N GLU A 91 0.18 11.52 -10.78
CA GLU A 91 -0.33 12.68 -11.48
C GLU A 91 -1.54 13.24 -10.74
N LYS A 92 -2.52 12.39 -10.38
CA LYS A 92 -3.74 12.89 -9.77
C LYS A 92 -3.46 13.56 -8.44
N SER A 93 -2.47 13.07 -7.72
CA SER A 93 -2.18 13.64 -6.42
C SER A 93 -1.13 14.75 -6.46
N GLY A 94 -0.74 15.18 -7.65
CA GLY A 94 0.24 16.25 -7.72
C GLY A 94 1.58 15.85 -7.16
N GLY A 95 1.89 14.57 -7.26
CA GLY A 95 3.12 14.00 -6.75
C GLY A 95 3.24 13.80 -5.25
N ALA A 96 2.15 13.94 -4.51
CA ALA A 96 2.16 13.65 -3.06
C ALA A 96 2.50 12.18 -2.85
N PHE A 97 1.89 11.33 -3.67
CA PHE A 97 2.36 9.97 -3.88
C PHE A 97 3.28 10.00 -5.09
N ASN A 98 4.52 9.52 -4.94
CA ASN A 98 5.52 9.58 -5.99
C ASN A 98 6.28 8.26 -6.01
N PRO A 99 6.10 7.45 -7.07
CA PRO A 99 6.75 6.13 -7.14
C PRO A 99 8.20 6.18 -7.60
N ALA A 100 8.72 7.39 -7.82
CA ALA A 100 10.09 7.61 -8.28
C ALA A 100 10.89 8.38 -7.23
N LEU A 101 10.62 8.10 -5.96
CA LEU A 101 11.22 8.83 -4.85
C LEU A 101 12.45 8.11 -4.28
N GLY A 102 12.90 7.07 -4.97
CA GLY A 102 13.92 6.22 -4.43
C GLY A 102 15.22 6.93 -4.07
N ALA A 103 15.62 7.92 -4.86
CA ALA A 103 16.82 8.67 -4.52
C ALA A 103 16.78 9.27 -3.11
N VAL A 104 15.61 9.76 -2.71
CA VAL A 104 15.43 10.34 -1.39
C VAL A 104 15.19 9.25 -0.32
N VAL A 105 14.36 8.26 -0.66
CA VAL A 105 14.04 7.24 0.31
C VAL A 105 15.29 6.48 0.70
N LYS A 106 16.16 6.17 -0.26
CA LYS A 106 17.37 5.43 0.08
C LYS A 106 18.25 6.18 1.06
N LEU A 107 18.29 7.51 0.98
CA LEU A 107 19.04 8.28 1.96
C LEU A 107 18.40 8.16 3.34
N TRP A 108 17.09 8.12 3.36
CA TRP A 108 16.36 7.92 4.61
C TRP A 108 16.42 6.44 5.10
N ASN A 109 16.41 5.47 4.17
CA ASN A 109 16.51 4.06 4.58
C ASN A 109 17.84 3.76 5.30
N ILE A 110 18.91 4.44 4.91
CA ILE A 110 20.17 4.24 5.62
C ILE A 110 20.13 5.01 6.93
N GLY A 111 19.46 6.16 6.92
CA GLY A 111 19.20 6.90 8.14
C GLY A 111 18.47 6.04 9.16
N PHE A 112 17.48 5.28 8.73
CA PHE A 112 16.72 4.40 9.63
C PHE A 112 17.66 3.39 10.27
N ASP A 113 18.46 2.75 9.43
CA ASP A 113 19.41 1.76 9.92
C ASP A 113 20.37 2.33 10.95
N ARG A 114 20.79 3.58 10.75
CA ARG A 114 21.83 4.19 11.56
C ARG A 114 21.32 5.22 12.57
N ALA A 115 20.01 5.43 12.63
CA ALA A 115 19.43 6.43 13.53
C ALA A 115 20.04 7.82 13.32
N ALA A 116 20.09 8.25 12.06
CA ALA A 116 20.72 9.52 11.70
C ALA A 116 19.97 10.19 10.53
N VAL A 117 19.84 11.50 10.59
CA VAL A 117 19.13 12.27 9.58
C VAL A 117 20.05 12.54 8.40
N PRO A 118 19.58 12.32 7.15
CA PRO A 118 20.42 12.68 5.98
C PRO A 118 20.88 14.14 5.97
N ASP A 119 21.82 14.46 5.09
CA ASP A 119 22.41 15.79 5.04
C ASP A 119 21.59 16.75 4.18
N PRO A 120 21.67 18.06 4.48
CA PRO A 120 20.85 19.06 3.78
C PRO A 120 21.02 19.05 2.26
N ASP A 121 22.25 19.25 1.79
CA ASP A 121 22.53 19.33 0.36
C ASP A 121 22.28 17.99 -0.34
N ALA A 122 22.69 16.89 0.29
CA ALA A 122 22.52 15.55 -0.27
C ALA A 122 21.06 15.28 -0.54
N LEU A 123 20.23 15.65 0.41
CA LEU A 123 18.81 15.54 0.26
C LEU A 123 18.29 16.45 -0.86
N LYS A 124 18.83 17.67 -0.91
CA LYS A 124 18.47 18.61 -1.96
C LYS A 124 18.83 18.06 -3.35
N GLU A 125 20.01 17.47 -3.42
CA GLU A 125 20.45 16.85 -4.66
C GLU A 125 19.55 15.65 -5.02
N ALA A 126 19.21 14.83 -4.02
CA ALA A 126 18.38 13.66 -4.29
C ALA A 126 17.02 14.04 -4.87
N LEU A 127 16.47 15.14 -4.35
CA LEU A 127 15.17 15.59 -4.85
C LEU A 127 15.18 15.96 -6.34
N THR A 128 16.35 16.28 -6.87
CA THR A 128 16.48 16.58 -8.31
C THR A 128 16.31 15.34 -9.18
N ARG A 129 16.35 14.16 -8.56
CA ARG A 129 16.27 12.90 -9.28
C ARG A 129 14.99 12.11 -8.95
N CYS A 130 13.91 12.84 -8.68
CA CYS A 130 12.62 12.21 -8.33
C CYS A 130 11.43 12.62 -9.18
N ASP A 131 11.68 13.05 -10.40
CA ASP A 131 10.57 13.52 -11.23
C ASP A 131 9.90 12.35 -11.92
N PHE A 132 8.74 11.95 -11.42
CA PHE A 132 8.06 10.77 -11.94
C PHE A 132 7.58 11.01 -13.36
N ARG A 133 7.52 12.26 -13.82
CA ARG A 133 7.14 12.54 -15.23
C ARG A 133 8.19 12.07 -16.22
N GLN A 134 9.39 11.77 -15.71
CA GLN A 134 10.49 11.25 -16.55
C GLN A 134 10.55 9.72 -16.59
N VAL A 135 9.53 9.07 -16.04
CA VAL A 135 9.32 7.64 -16.21
C VAL A 135 8.42 7.45 -17.44
N HIS A 136 8.99 6.90 -18.49
CA HIS A 136 8.27 6.71 -19.74
C HIS A 136 7.91 5.27 -19.98
N LEU A 137 6.60 5.02 -19.95
CA LEU A 137 6.04 3.72 -20.28
C LEU A 137 5.58 3.72 -21.73
N ARG A 138 6.02 2.70 -22.47
CA ARG A 138 5.65 2.53 -23.88
C ARG A 138 5.35 1.06 -24.14
N ALA A 139 4.29 0.79 -24.90
CA ALA A 139 3.91 -0.59 -25.21
C ALA A 139 3.29 -0.58 -26.58
N GLY A 140 3.90 -1.31 -27.50
CA GLY A 140 3.40 -1.36 -28.85
C GLY A 140 2.05 -2.04 -28.91
N VAL A 141 1.39 -1.81 -30.03
CA VAL A 141 -0.01 -2.20 -30.16
C VAL A 141 -0.17 -3.51 -30.92
N SER A 142 0.90 -4.01 -31.51
CA SER A 142 0.85 -5.24 -32.30
C SER A 142 0.93 -6.46 -31.42
N VAL A 143 0.57 -7.60 -32.01
CA VAL A 143 0.52 -8.84 -31.30
C VAL A 143 1.87 -9.16 -30.66
N GLY A 144 1.83 -9.46 -29.38
CA GLY A 144 3.06 -9.84 -28.69
C GLY A 144 4.06 -8.72 -28.49
N ALA A 145 3.68 -7.48 -28.76
CA ALA A 145 4.64 -6.39 -28.62
C ALA A 145 5.08 -6.22 -27.15
N PRO A 146 6.38 -5.96 -26.93
CA PRO A 146 6.80 -5.82 -25.53
C PRO A 146 6.33 -4.53 -24.84
N HIS A 147 6.36 -4.63 -23.52
CA HIS A 147 6.13 -3.51 -22.62
C HIS A 147 7.47 -3.03 -22.12
N THR A 148 7.68 -1.72 -22.18
CA THR A 148 8.96 -1.14 -21.79
C THR A 148 8.82 0.05 -20.85
N VAL A 149 9.86 0.23 -20.05
CA VAL A 149 9.98 1.34 -19.13
C VAL A 149 11.31 2.02 -19.36
N GLN A 150 11.32 3.34 -19.44
CA GLN A 150 12.58 4.08 -19.52
C GLN A 150 12.59 5.13 -18.42
N LEU A 151 13.68 5.14 -17.66
CA LEU A 151 13.88 6.16 -16.64
C LEU A 151 14.78 7.19 -17.25
N ALA A 152 14.20 8.29 -17.70
CA ALA A 152 14.91 9.23 -18.56
C ALA A 152 15.96 10.08 -17.80
N GLN A 153 15.68 10.37 -16.53
CA GLN A 153 16.47 11.23 -15.65
C GLN A 153 17.61 10.38 -15.04
N ALA A 154 18.84 10.83 -15.20
CA ALA A 154 20.00 10.13 -14.65
C ALA A 154 19.86 9.98 -13.13
N GLY A 155 20.08 8.76 -12.62
CA GLY A 155 20.04 8.49 -11.19
C GLY A 155 18.67 8.44 -10.51
N MET A 156 17.60 8.52 -11.28
CA MET A 156 16.29 8.40 -10.69
C MET A 156 16.06 6.94 -10.36
N GLN A 157 15.32 6.66 -9.28
CA GLN A 157 15.10 5.30 -8.80
C GLN A 157 13.65 5.11 -8.44
N LEU A 158 13.05 4.06 -8.96
CA LEU A 158 11.69 3.67 -8.59
C LEU A 158 11.72 3.02 -7.21
N ASP A 159 10.69 3.30 -6.43
CA ASP A 159 10.49 2.67 -5.12
C ASP A 159 9.00 2.48 -5.00
N LEU A 160 8.56 1.24 -5.00
CA LEU A 160 7.13 0.93 -4.94
C LEU A 160 6.73 0.45 -3.54
N GLY A 161 7.52 0.79 -2.53
CA GLY A 161 7.25 0.38 -1.16
C GLY A 161 5.90 0.75 -0.64
N ALA A 162 5.30 1.85 -1.12
CA ALA A 162 4.03 2.28 -0.58
C ALA A 162 2.88 1.49 -1.16
N ILE A 163 3.09 0.87 -2.31
CA ILE A 163 2.02 0.23 -3.04
C ILE A 163 2.25 -1.27 -3.32
N ALA A 164 3.42 -1.80 -3.03
CA ALA A 164 3.76 -3.21 -3.37
C ALA A 164 2.79 -4.17 -2.65
N LYS A 165 2.54 -3.92 -1.39
CA LYS A 165 1.68 -4.83 -0.62
C LYS A 165 0.26 -4.76 -1.16
N GLY A 166 -0.21 -3.59 -1.59
CA GLY A 166 -1.53 -3.45 -2.14
C GLY A 166 -1.67 -4.20 -3.45
N PHE A 167 -0.66 -4.11 -4.29
CA PHE A 167 -0.62 -4.83 -5.55
C PHE A 167 -0.70 -6.33 -5.27
N LEU A 168 0.09 -6.80 -4.31
CA LEU A 168 0.13 -8.23 -4.00
C LEU A 168 -1.18 -8.70 -3.39
N ALA A 169 -1.84 -7.86 -2.62
CA ALA A 169 -3.16 -8.23 -2.09
C ALA A 169 -4.15 -8.37 -3.23
N ASP A 170 -4.11 -7.51 -4.24
CA ASP A 170 -5.02 -7.61 -5.36
C ASP A 170 -4.70 -8.90 -6.17
N LYS A 171 -3.43 -9.19 -6.38
CA LYS A 171 -3.03 -10.42 -7.07
C LYS A 171 -3.50 -11.65 -6.30
N ILE A 172 -3.43 -11.61 -4.98
CA ILE A 172 -3.91 -12.73 -4.16
C ILE A 172 -5.39 -12.91 -4.28
N VAL A 173 -6.17 -11.84 -4.24
CA VAL A 173 -7.61 -11.94 -4.40
C VAL A 173 -7.94 -12.54 -5.74
N GLN A 174 -7.22 -12.13 -6.77
CA GLN A 174 -7.50 -12.64 -8.10
C GLN A 174 -7.18 -14.13 -8.15
N LEU A 175 -6.13 -14.55 -7.48
CA LEU A 175 -5.77 -15.93 -7.40
C LEU A 175 -6.83 -16.76 -6.62
N LEU A 176 -7.28 -16.23 -5.48
CA LEU A 176 -8.35 -16.92 -4.72
C LEU A 176 -9.58 -17.09 -5.57
N THR A 177 -10.00 -16.05 -6.26
CA THR A 177 -11.16 -16.12 -7.14
C THR A 177 -10.95 -17.16 -8.27
N ALA A 178 -9.73 -17.23 -8.81
CA ALA A 178 -9.40 -18.20 -9.84
C ALA A 178 -9.57 -19.63 -9.34
N HIS A 179 -9.38 -19.83 -8.05
CA HIS A 179 -9.60 -21.11 -7.37
C HIS A 179 -11.01 -21.29 -6.81
N ALA A 180 -11.95 -20.47 -7.30
CA ALA A 180 -13.37 -20.59 -6.97
C ALA A 180 -13.63 -20.36 -5.50
N LEU A 181 -12.83 -19.51 -4.90
CA LEU A 181 -13.06 -19.05 -3.52
C LEU A 181 -13.66 -17.68 -3.56
N ASP A 182 -14.58 -17.41 -2.64
CA ASP A 182 -15.28 -16.15 -2.62
C ASP A 182 -15.44 -15.55 -1.23
N SER A 183 -14.72 -16.09 -0.24
CA SER A 183 -14.77 -15.60 1.14
C SER A 183 -13.36 -15.68 1.76
N ALA A 184 -12.74 -14.53 1.92
CA ALA A 184 -11.39 -14.47 2.46
C ALA A 184 -11.06 -13.13 3.05
N LEU A 185 -10.06 -13.16 3.95
CA LEU A 185 -9.48 -11.96 4.48
C LEU A 185 -8.00 -12.06 4.28
N VAL A 186 -7.51 -11.16 3.43
CA VAL A 186 -6.08 -11.09 3.09
C VAL A 186 -5.43 -9.99 3.88
N ASP A 187 -4.35 -10.27 4.56
CA ASP A 187 -3.67 -9.26 5.40
C ASP A 187 -2.18 -9.36 5.14
N LEU A 188 -1.67 -8.39 4.35
CA LEU A 188 -0.25 -8.32 4.04
C LEU A 188 0.35 -7.18 4.81
N GLY A 189 0.97 -7.47 5.94
CA GLY A 189 1.56 -6.42 6.76
C GLY A 189 0.58 -5.32 7.06
N GLY A 190 -0.68 -5.67 7.23
CA GLY A 190 -1.70 -4.68 7.61
C GLY A 190 -2.50 -4.13 6.44
N ASN A 191 -2.05 -4.32 5.21
CA ASN A 191 -2.84 -3.99 4.01
C ASN A 191 -3.88 -5.09 3.86
N ILE A 192 -5.15 -4.74 3.92
CA ILE A 192 -6.23 -5.74 4.04
C ILE A 192 -7.04 -5.77 2.78
N PHE A 193 -7.45 -6.97 2.36
CA PHE A 193 -8.53 -7.10 1.42
C PHE A 193 -9.57 -8.05 2.02
N ALA A 194 -10.82 -7.57 2.08
CA ALA A 194 -11.96 -8.34 2.56
C ALA A 194 -12.75 -8.82 1.36
N LEU A 195 -12.61 -10.09 1.04
CA LEU A 195 -13.26 -10.70 -0.11
C LEU A 195 -14.56 -11.35 0.37
N GLY A 196 -15.67 -10.96 -0.23
CA GLY A 196 -16.95 -11.54 0.09
C GLY A 196 -17.40 -11.30 1.52
N LEU A 197 -18.12 -12.27 2.06
CA LEU A 197 -18.64 -12.23 3.41
C LEU A 197 -18.03 -13.38 4.19
N LYS A 198 -17.90 -13.22 5.49
CA LYS A 198 -17.50 -14.30 6.35
C LYS A 198 -18.71 -15.11 6.78
N TYR A 199 -18.47 -16.15 7.56
CA TYR A 199 -19.59 -16.93 8.13
C TYR A 199 -19.59 -16.61 9.63
N GLY A 200 -20.77 -16.75 10.24
CA GLY A 200 -20.90 -16.49 11.67
C GLY A 200 -20.35 -17.64 12.49
N GLN A 208 -25.02 -18.18 8.95
CA GLN A 208 -25.28 -16.79 8.62
C GLN A 208 -24.06 -16.16 7.93
N ARG A 209 -24.29 -15.30 6.94
CA ARG A 209 -23.19 -14.61 6.26
C ARG A 209 -23.13 -13.17 6.75
N LEU A 210 -21.93 -12.71 7.12
CA LEU A 210 -21.75 -11.39 7.70
C LEU A 210 -20.58 -10.68 7.09
N GLU A 211 -20.58 -9.36 7.14
CA GLU A 211 -19.45 -8.57 6.72
C GLU A 211 -18.23 -8.84 7.57
N TRP A 212 -17.06 -8.67 6.97
CA TRP A 212 -15.80 -8.70 7.68
C TRP A 212 -15.64 -7.44 8.50
N ASN A 213 -15.17 -7.57 9.74
CA ASN A 213 -15.00 -6.41 10.61
C ASN A 213 -13.53 -6.07 10.66
N VAL A 214 -13.11 -5.11 9.85
CA VAL A 214 -11.71 -4.76 9.71
C VAL A 214 -11.30 -3.76 10.80
N GLY A 215 -10.24 -4.08 11.53
CA GLY A 215 -9.77 -3.21 12.61
C GLY A 215 -8.82 -2.14 12.11
N ILE A 216 -8.88 -0.99 12.76
CA ILE A 216 -7.94 0.12 12.50
C ILE A 216 -7.34 0.48 13.84
N ARG A 217 -6.02 0.55 13.91
CA ARG A 217 -5.36 0.76 15.19
C ARG A 217 -5.32 2.20 15.69
N ASP A 218 -5.21 2.34 16.99
CA ASP A 218 -4.80 3.57 17.63
C ASP A 218 -3.42 3.95 17.05
N PRO A 219 -3.30 5.13 16.42
CA PRO A 219 -2.00 5.50 15.85
C PRO A 219 -0.87 5.52 16.85
N HIS A 220 -1.17 5.76 18.12
CA HIS A 220 -0.13 5.83 19.17
C HIS A 220 -0.19 4.61 20.06
N GLY A 221 -0.86 3.56 19.63
CA GLY A 221 -0.98 2.34 20.40
C GLY A 221 0.08 1.31 20.05
N THR A 222 0.05 0.19 20.75
CA THR A 222 1.03 -0.88 20.53
C THR A 222 0.66 -1.76 19.34
N GLY A 223 -0.56 -1.58 18.81
CA GLY A 223 -1.00 -2.31 17.63
C GLY A 223 -1.76 -3.59 17.93
N GLN A 224 -1.72 -4.04 19.18
CA GLN A 224 -2.37 -5.29 19.58
C GLN A 224 -3.85 -5.31 19.20
N LYS A 225 -4.59 -4.33 19.75
CA LYS A 225 -6.04 -4.26 19.64
C LYS A 225 -6.43 -3.12 18.72
N PRO A 226 -7.53 -3.29 17.96
CA PRO A 226 -8.01 -2.16 17.15
C PRO A 226 -8.74 -1.10 18.00
N ALA A 227 -8.61 0.18 17.61
CA ALA A 227 -9.40 1.25 18.21
C ALA A 227 -10.82 1.30 17.66
N LEU A 228 -10.97 0.87 16.42
CA LEU A 228 -12.30 0.76 15.87
C LEU A 228 -12.34 -0.33 14.85
N VAL A 229 -13.54 -0.72 14.44
CA VAL A 229 -13.70 -1.66 13.34
C VAL A 229 -14.70 -1.11 12.35
N VAL A 230 -14.54 -1.52 11.10
CA VAL A 230 -15.43 -1.14 10.03
C VAL A 230 -15.89 -2.42 9.31
N SER A 231 -17.18 -2.59 9.18
CA SER A 231 -17.78 -3.75 8.54
C SER A 231 -17.83 -3.51 7.06
N VAL A 232 -17.19 -4.42 6.32
CA VAL A 232 -17.07 -4.29 4.87
C VAL A 232 -17.19 -5.63 4.13
N ARG A 233 -17.49 -5.49 2.84
CA ARG A 233 -17.53 -6.57 1.87
C ARG A 233 -16.82 -6.15 0.59
N ASP A 234 -16.00 -7.03 0.04
CA ASP A 234 -15.41 -6.83 -1.26
C ASP A 234 -14.69 -5.51 -1.38
N CYS A 235 -13.81 -5.26 -0.42
CA CYS A 235 -13.24 -3.94 -0.15
C CYS A 235 -11.82 -4.14 0.32
N SER A 236 -10.90 -3.27 -0.11
CA SER A 236 -9.58 -3.19 0.53
C SER A 236 -9.66 -2.11 1.56
N VAL A 237 -8.83 -2.25 2.59
CA VAL A 237 -8.62 -1.22 3.60
C VAL A 237 -7.14 -1.09 3.82
N VAL A 238 -6.59 0.06 3.49
CA VAL A 238 -5.17 0.32 3.63
C VAL A 238 -5.01 1.60 4.42
N THR A 239 -4.17 1.56 5.45
CA THR A 239 -3.97 2.69 6.33
C THR A 239 -2.54 3.19 6.30
N SER A 240 -2.39 4.48 6.14
CA SER A 240 -1.10 5.17 6.23
C SER A 240 -1.01 5.88 7.57
N GLY A 241 0.11 5.75 8.26
CA GLY A 241 0.33 6.39 9.56
C GLY A 241 1.84 6.45 9.76
N ALA A 242 2.33 7.49 10.41
CA ALA A 242 3.75 7.62 10.73
C ALA A 242 4.26 6.46 11.56
N TYR A 243 3.37 5.88 12.34
CA TYR A 243 3.72 4.89 13.35
C TYR A 243 4.19 3.55 12.82
N GLU A 244 3.86 3.23 11.57
CA GLU A 244 4.21 1.91 11.06
C GLU A 244 5.72 1.76 10.92
N ARG A 245 6.45 2.87 10.82
CA ARG A 245 7.89 2.81 10.64
C ARG A 245 8.51 4.19 10.89
N PHE A 246 9.30 4.29 11.95
CA PHE A 246 10.03 5.53 12.24
C PHE A 246 11.26 5.26 13.04
N PHE A 247 12.13 6.25 13.10
CA PHE A 247 13.20 6.27 14.08
C PHE A 247 13.20 7.61 14.80
N GLU A 248 13.94 7.68 15.91
CA GLU A 248 14.06 8.90 16.70
C GLU A 248 15.51 9.31 16.79
N ARG A 249 15.77 10.60 16.69
CA ARG A 249 17.10 11.14 16.97
C ARG A 249 17.00 12.50 17.63
N ASP A 250 17.63 12.63 18.79
CA ASP A 250 17.67 13.88 19.56
C ASP A 250 16.29 14.49 19.77
N GLY A 251 15.35 13.65 20.20
CA GLY A 251 14.01 14.08 20.57
C GLY A 251 13.01 14.20 19.43
N VAL A 252 13.49 14.02 18.20
CA VAL A 252 12.63 14.15 17.02
C VAL A 252 12.35 12.79 16.37
N ARG A 253 11.09 12.54 16.04
CA ARG A 253 10.68 11.35 15.34
C ARG A 253 10.66 11.58 13.83
N TYR A 254 11.30 10.67 13.09
CA TYR A 254 11.33 10.71 11.64
C TYR A 254 10.69 9.47 11.07
N HIS A 255 9.55 9.65 10.40
CA HIS A 255 8.78 8.50 9.94
C HIS A 255 8.95 8.25 8.42
N HIS A 256 8.36 7.17 7.95
CA HIS A 256 8.65 6.62 6.63
C HIS A 256 7.98 7.33 5.46
N ILE A 257 6.95 8.15 5.69
CA ILE A 257 6.25 8.74 4.56
C ILE A 257 6.82 10.12 4.27
N ILE A 258 7.49 10.24 3.14
CA ILE A 258 8.23 11.44 2.79
C ILE A 258 7.33 12.41 2.05
N ASP A 259 7.39 13.69 2.44
CA ASP A 259 6.77 14.75 1.65
C ASP A 259 7.74 15.09 0.51
N PRO A 260 7.35 14.85 -0.75
CA PRO A 260 8.31 15.11 -1.81
C PRO A 260 8.68 16.55 -2.04
N VAL A 261 7.95 17.50 -1.46
CA VAL A 261 8.31 18.91 -1.62
C VAL A 261 9.48 19.24 -0.68
N THR A 262 9.47 18.68 0.52
CA THR A 262 10.52 18.97 1.52
C THR A 262 11.67 17.95 1.53
N GLY A 263 11.40 16.72 1.08
CA GLY A 263 12.36 15.64 1.22
C GLY A 263 12.50 15.12 2.64
N PHE A 264 11.58 15.54 3.52
CA PHE A 264 11.52 15.12 4.92
C PHE A 264 10.21 14.39 5.17
N PRO A 265 10.14 13.60 6.25
CA PRO A 265 8.87 12.97 6.59
C PRO A 265 7.77 14.02 6.69
N ALA A 266 6.62 13.70 6.12
CA ALA A 266 5.52 14.64 6.04
C ALA A 266 5.08 15.15 7.41
N HIS A 267 4.87 16.46 7.47
CA HIS A 267 4.25 17.14 8.61
C HIS A 267 2.80 17.38 8.21
N THR A 268 1.86 16.67 8.86
CA THR A 268 0.49 16.62 8.42
C THR A 268 -0.48 16.70 9.62
N ASP A 269 -1.76 16.95 9.34
CA ASP A 269 -2.75 17.25 10.39
C ASP A 269 -3.58 16.03 10.75
N VAL A 270 -3.25 14.87 10.18
CA VAL A 270 -3.89 13.60 10.55
C VAL A 270 -2.86 12.64 11.10
N ASP A 271 -3.31 11.75 11.99
CA ASP A 271 -2.45 10.69 12.50
C ASP A 271 -2.51 9.46 11.62
N SER A 272 -3.66 9.22 10.98
CA SER A 272 -3.75 8.12 10.03
C SER A 272 -4.85 8.39 9.05
N VAL A 273 -4.68 7.81 7.86
CA VAL A 273 -5.71 7.82 6.83
C VAL A 273 -5.90 6.39 6.37
N SER A 274 -7.15 5.91 6.42
CA SER A 274 -7.54 4.60 5.95
C SER A 274 -8.43 4.76 4.73
N ILE A 275 -8.04 4.13 3.61
CA ILE A 275 -8.77 4.18 2.35
C ILE A 275 -9.39 2.84 2.07
N PHE A 276 -10.65 2.92 1.69
CA PHE A 276 -11.50 1.79 1.39
C PHE A 276 -11.78 1.86 -0.10
N ALA A 277 -11.32 0.88 -0.86
CA ALA A 277 -11.43 0.93 -2.31
C ALA A 277 -11.61 -0.45 -2.90
N PRO A 278 -12.12 -0.55 -4.12
CA PRO A 278 -12.23 -1.88 -4.73
C PRO A 278 -10.90 -2.56 -5.02
N ARG A 279 -9.83 -1.80 -5.06
CA ARG A 279 -8.50 -2.30 -5.35
C ARG A 279 -7.53 -1.85 -4.29
N SER A 280 -6.80 -2.78 -3.69
CA SER A 280 -5.84 -2.45 -2.69
C SER A 280 -4.66 -1.60 -3.19
N THR A 281 -4.28 -1.81 -4.46
CA THR A 281 -3.25 -0.99 -5.09
C THR A 281 -3.67 0.47 -4.98
N ASP A 282 -4.93 0.73 -5.32
CA ASP A 282 -5.44 2.10 -5.36
C ASP A 282 -5.53 2.66 -3.94
N ALA A 283 -6.05 1.84 -3.02
CA ALA A 283 -6.16 2.26 -1.62
C ALA A 283 -4.80 2.63 -1.04
N ALA A 284 -3.76 1.86 -1.38
CA ALA A 284 -2.43 2.12 -0.87
C ALA A 284 -1.87 3.44 -1.42
N ALA A 285 -1.97 3.63 -2.73
CA ALA A 285 -1.47 4.88 -3.31
C ALA A 285 -2.19 6.07 -2.72
N LEU A 286 -3.52 5.96 -2.63
CA LEU A 286 -4.33 7.06 -2.11
C LEU A 286 -4.06 7.30 -0.63
N ALA A 287 -3.86 6.27 0.15
CA ALA A 287 -3.58 6.48 1.58
C ALA A 287 -2.27 7.25 1.74
N THR A 288 -1.24 6.90 0.96
CA THR A 288 0.04 7.57 1.01
C THR A 288 -0.12 9.04 0.61
N ALA A 289 -0.79 9.29 -0.52
CA ALA A 289 -1.02 10.66 -0.99
C ALA A 289 -1.73 11.49 0.06
N CYS A 290 -2.80 10.92 0.64
CA CYS A 290 -3.65 11.65 1.57
C CYS A 290 -2.88 11.97 2.84
N PHE A 291 -2.03 11.07 3.30
CA PHE A 291 -1.23 11.36 4.48
C PHE A 291 -0.35 12.58 4.23
N VAL A 292 0.31 12.63 3.09
CA VAL A 292 1.13 13.79 2.70
C VAL A 292 0.32 15.05 2.56
N LEU A 293 -0.83 14.97 1.90
CA LEU A 293 -1.66 16.13 1.62
C LEU A 293 -2.33 16.74 2.83
N GLY A 294 -2.66 15.93 3.82
CA GLY A 294 -3.41 16.41 4.96
C GLY A 294 -4.91 16.42 4.67
N TYR A 295 -5.71 16.69 5.68
CA TYR A 295 -7.14 16.43 5.58
C TYR A 295 -7.89 17.21 4.51
N GLU A 296 -7.77 18.53 4.46
CA GLU A 296 -8.58 19.30 3.50
C GLU A 296 -8.23 18.94 2.06
N LYS A 297 -6.93 18.88 1.77
CA LYS A 297 -6.54 18.57 0.41
C LYS A 297 -6.85 17.11 0.06
N SER A 298 -6.84 16.22 1.05
CA SER A 298 -7.24 14.84 0.83
C SER A 298 -8.70 14.76 0.43
N CYS A 299 -9.55 15.47 1.15
CA CYS A 299 -10.96 15.49 0.80
C CYS A 299 -11.15 15.97 -0.62
N ALA A 300 -10.41 17.01 -1.02
CA ALA A 300 -10.45 17.48 -2.40
C ALA A 300 -10.03 16.41 -3.42
N LEU A 301 -8.90 15.73 -3.19
CA LEU A 301 -8.47 14.67 -4.08
C LEU A 301 -9.50 13.53 -4.14
N LEU A 302 -10.03 13.12 -2.99
CA LEU A 302 -10.90 11.95 -2.94
C LEU A 302 -12.21 12.20 -3.67
N ARG A 303 -12.61 13.45 -3.83
CA ARG A 303 -13.83 13.77 -4.59
C ARG A 303 -13.68 13.33 -6.04
N GLU A 304 -12.45 13.17 -6.48
CA GLU A 304 -12.15 12.65 -7.81
C GLU A 304 -12.38 11.13 -7.98
N PHE A 305 -12.58 10.46 -6.86
CA PHE A 305 -12.77 9.00 -6.80
C PHE A 305 -14.01 8.64 -5.98
N PRO A 306 -15.18 8.79 -6.60
CA PRO A 306 -16.44 8.51 -5.91
C PRO A 306 -16.61 7.10 -5.37
N GLY A 307 -15.92 6.13 -5.97
CA GLY A 307 -16.01 4.76 -5.49
C GLY A 307 -15.13 4.41 -4.29
N VAL A 308 -14.47 5.40 -3.70
CA VAL A 308 -13.60 5.21 -2.58
C VAL A 308 -14.19 5.86 -1.34
N ASP A 309 -13.94 5.24 -0.20
CA ASP A 309 -14.26 5.85 1.09
C ASP A 309 -13.00 6.05 1.93
N ALA A 310 -13.10 6.91 2.94
CA ALA A 310 -11.93 7.24 3.73
C ALA A 310 -12.29 7.45 5.18
N LEU A 311 -11.34 7.12 6.04
CA LEU A 311 -11.51 7.32 7.50
C LEU A 311 -10.23 7.97 7.99
N PHE A 312 -10.37 9.12 8.61
CA PHE A 312 -9.24 9.88 9.14
C PHE A 312 -9.27 9.87 10.64
N ILE A 313 -8.12 9.58 11.25
CA ILE A 313 -7.94 9.68 12.69
C ILE A 313 -7.01 10.85 12.97
N PHE A 314 -7.51 11.81 13.73
CA PHE A 314 -6.79 13.03 14.03
C PHE A 314 -6.00 12.86 15.33
N PRO A 315 -5.02 13.74 15.57
CA PRO A 315 -4.19 13.66 16.79
C PRO A 315 -4.99 13.83 18.08
N ASP A 316 -6.15 14.48 18.00
CA ASP A 316 -7.04 14.65 19.15
C ASP A 316 -8.08 13.52 19.30
N LYS A 317 -7.89 12.46 18.53
CA LYS A 317 -8.67 11.22 18.59
C LYS A 317 -10.08 11.41 18.06
N ARG A 318 -10.35 12.50 17.39
CA ARG A 318 -11.55 12.56 16.57
C ARG A 318 -11.34 11.72 15.34
N VAL A 319 -12.44 11.13 14.88
CA VAL A 319 -12.48 10.29 13.69
C VAL A 319 -13.57 10.81 12.75
N ARG A 320 -13.19 11.01 11.49
CA ARG A 320 -14.14 11.38 10.46
C ARG A 320 -14.11 10.33 9.36
N ALA A 321 -15.29 9.89 8.96
CA ALA A 321 -15.44 8.88 7.93
C ALA A 321 -16.43 9.34 6.88
N SER A 322 -16.13 8.99 5.65
CA SER A 322 -17.01 9.35 4.56
C SER A 322 -18.32 8.58 4.57
N ALA A 323 -19.27 9.09 3.78
CA ALA A 323 -20.65 8.63 3.86
C ALA A 323 -20.86 7.15 3.55
N GLY A 324 -20.01 6.57 2.72
CA GLY A 324 -20.16 5.18 2.35
C GLY A 324 -19.78 4.22 3.46
N ILE A 325 -19.07 4.70 4.47
CA ILE A 325 -18.63 3.80 5.54
C ILE A 325 -18.99 4.25 6.95
N VAL A 326 -19.45 5.49 7.14
CA VAL A 326 -19.56 6.03 8.49
C VAL A 326 -20.51 5.20 9.36
N ASP A 327 -21.59 4.69 8.77
CA ASP A 327 -22.57 3.88 9.49
C ASP A 327 -22.08 2.45 9.78
N ARG A 328 -20.92 2.10 9.24
CA ARG A 328 -20.31 0.76 9.35
C ARG A 328 -19.17 0.79 10.37
N VAL A 329 -18.89 1.96 10.95
CA VAL A 329 -17.81 2.12 11.93
C VAL A 329 -18.32 1.86 13.33
N ARG A 330 -17.56 1.05 14.07
CA ARG A 330 -17.80 0.88 15.52
C ARG A 330 -16.54 1.18 16.30
N VAL A 331 -16.67 2.15 17.21
CA VAL A 331 -15.56 2.53 18.06
C VAL A 331 -15.45 1.52 19.19
N LEU A 332 -14.27 0.91 19.34
CA LEU A 332 -14.02 -0.03 20.42
C LEU A 332 -13.28 0.61 21.59
N ASP A 333 -12.43 1.59 21.30
CA ASP A 333 -11.66 2.30 22.31
C ASP A 333 -12.32 3.65 22.50
N ALA A 334 -12.99 3.83 23.64
CA ALA A 334 -13.88 4.95 23.87
C ALA A 334 -13.12 6.28 23.99
N ARG A 335 -11.79 6.24 24.00
CA ARG A 335 -11.07 7.52 23.94
C ARG A 335 -11.26 8.19 22.58
N PHE A 336 -11.61 7.42 21.56
CA PHE A 336 -11.84 7.95 20.23
C PHE A 336 -13.31 8.32 20.05
N VAL A 337 -13.56 9.37 19.27
CA VAL A 337 -14.92 9.83 19.00
C VAL A 337 -15.17 9.87 17.50
N LEU A 338 -16.25 9.25 17.07
CA LEU A 338 -16.62 9.26 15.66
C LEU A 338 -17.56 10.45 15.46
N GLU A 339 -17.09 11.42 14.67
CA GLU A 339 -17.94 12.54 14.29
C GLU A 339 -18.91 12.09 13.19
N ARG A 340 -20.14 12.62 13.23
CA ARG A 340 -21.22 12.10 12.39
C ARG A 340 -21.78 13.13 11.42
#